data_6CD7
#
_entry.id   6CD7
#
_cell.length_a   43.455
_cell.length_b   101.813
_cell.length_c   72.921
_cell.angle_alpha   90.00
_cell.angle_beta   98.47
_cell.angle_gamma   90.00
#
_symmetry.space_group_name_H-M   'P 1 21 1'
#
loop_
_entity.id
_entity.type
_entity.pdbx_description
1 polymer "APH(2'')-Id"
2 non-polymer 'CHLORIDE ION'
3 non-polymer '(2S)-4-amino-N-[(1R,2S,3S,4R,5S)-5-amino-4-{[(2S,3R)-3-amino-6-{[(2-hydroxyethyl)amino]methyl}-3,4-dihydro-2H-pyran-2-y l]oxy}-2-{[3-deoxy-4-C-methyl-3-(methylamino)-beta-L-arabinopyranosyl]oxy}-3-hydroxycyclohexyl]-2-hydroxybutanamide'
4 water water
#
_entity_poly.entity_id   1
_entity_poly.type   'polypeptide(L)'
_entity_poly.pdbx_seq_one_letter_code
;GMRTYTFDQVEKAIEQLYPDFTINTIEISGEGNDCIAYEINRDFIFKFPKHSRGSTNLFNEVNILKRIHNKLPLPIPEVV
FTGMPSETYQMSFAGFTKIKGVPLTPLLLNNLPKQSQNQAAKDLARFLSELHSINISGFKSNLVLDFREKINEDNKKIKK
LLSRELKGPQMKKVDDFYRDILENEIYFKYYPCLIHNDFSSDHILFDTEKNTICGIIDFGDAAISDPDNDFISLMEDDEE
YGMEFVSKILNHYKHKDIPTVLEKYRMKEKYWSFEKIIYGKEYGYMDWYEEGLNEIRSIKIK
;
_entity_poly.pdbx_strand_id   A,B
#
loop_
_chem_comp.id
_chem_comp.type
_chem_comp.name
_chem_comp.formula
CL non-polymer 'CHLORIDE ION' 'Cl -1'
EDS non-polymer '(2S)-4-amino-N-[(1R,2S,3S,4R,5S)-5-amino-4-{[(2S,3R)-3-amino-6-{[(2-hydroxyethyl)amino]methyl}-3,4-dihydro-2H-pyran-2-y l]oxy}-2-{[3-deoxy-4-C-methyl-3-(methylamino)-beta-L-arabinopyranosyl]oxy}-3-hydroxycyclohexyl]-2-hydroxybutanamide' 'C25 H48 N6 O10'
#
# COMPACT_ATOMS: atom_id res chain seq x y z
N GLY A 1 0.25 0.79 17.79
CA GLY A 1 0.50 1.92 18.67
C GLY A 1 0.63 3.25 17.95
N MET A 2 0.09 4.30 18.56
CA MET A 2 0.13 5.62 17.96
C MET A 2 1.38 6.37 18.40
N ARG A 3 1.77 7.33 17.57
CA ARG A 3 2.97 8.12 17.81
C ARG A 3 2.62 9.53 18.23
N THR A 4 3.42 10.08 19.15
CA THR A 4 3.39 11.47 19.50
C THR A 4 4.70 12.15 19.10
N TYR A 5 4.65 13.48 18.96
CA TYR A 5 5.82 14.26 18.61
C TYR A 5 5.94 15.47 19.51
N THR A 6 7.16 15.80 19.91
CA THR A 6 7.44 17.09 20.50
C THR A 6 7.76 18.09 19.39
N PHE A 7 7.67 19.37 19.72
CA PHE A 7 8.06 20.39 18.75
C PHE A 7 9.52 20.22 18.34
N ASP A 8 10.38 19.84 19.28
CA ASP A 8 11.79 19.61 18.96
C ASP A 8 11.96 18.50 17.93
N GLN A 9 11.24 17.37 18.09
CA GLN A 9 11.40 16.28 17.11
C GLN A 9 10.85 16.68 15.75
N VAL A 10 9.78 17.47 15.72
CA VAL A 10 9.27 17.98 14.45
C VAL A 10 10.34 18.81 13.76
N GLU A 11 10.94 19.75 14.49
CA GLU A 11 12.01 20.56 13.94
C GLU A 11 13.19 19.71 13.49
N LYS A 12 13.56 18.71 14.29
CA LYS A 12 14.70 17.87 13.95
C LYS A 12 14.43 17.07 12.67
N ALA A 13 13.21 16.57 12.52
CA ALA A 13 12.86 15.81 11.32
C ALA A 13 12.95 16.69 10.08
N ILE A 14 12.38 17.90 10.15
CA ILE A 14 12.43 18.81 9.03
C ILE A 14 13.87 19.20 8.73
N GLU A 15 14.66 19.48 9.76
CA GLU A 15 16.02 19.95 9.55
C GLU A 15 16.88 18.90 8.87
N GLN A 16 16.59 17.61 9.09
CA GLN A 16 17.42 16.56 8.50
C GLN A 16 17.38 16.62 6.98
N LEU A 17 16.24 16.98 6.42
CA LEU A 17 16.04 17.01 4.98
C LEU A 17 16.03 18.43 4.40
N TYR A 18 15.77 19.44 5.22
CA TYR A 18 15.68 20.83 4.77
C TYR A 18 16.50 21.70 5.70
N PRO A 19 17.83 21.61 5.62
CA PRO A 19 18.68 22.36 6.57
C PRO A 19 18.62 23.86 6.38
N ASP A 20 18.19 24.35 5.22
CA ASP A 20 18.11 25.79 4.98
C ASP A 20 16.79 26.41 5.41
N PHE A 21 15.82 25.61 5.85
CA PHE A 21 14.50 26.09 6.21
C PHE A 21 14.48 26.46 7.69
N THR A 22 14.38 27.75 7.99
CA THR A 22 14.42 28.23 9.36
C THR A 22 13.02 28.25 9.96
N ILE A 23 12.85 27.56 11.08
CA ILE A 23 11.59 27.53 11.81
C ILE A 23 11.64 28.59 12.90
N ASN A 24 10.75 29.59 12.81
CA ASN A 24 10.63 30.66 13.80
C ASN A 24 9.46 30.44 14.75
N THR A 25 8.34 29.93 14.25
CA THR A 25 7.17 29.67 15.09
C THR A 25 6.68 28.26 14.79
N ILE A 26 6.15 27.60 15.81
CA ILE A 26 5.53 26.29 15.62
C ILE A 26 4.44 26.11 16.67
N GLU A 27 3.27 25.69 16.23
CA GLU A 27 2.18 25.37 17.12
C GLU A 27 1.34 24.27 16.46
N ILE A 28 0.57 23.57 17.27
CA ILE A 28 -0.32 22.54 16.75
C ILE A 28 -1.51 23.23 16.09
N SER A 29 -1.79 22.88 14.84
N SER A 29 -1.75 22.88 14.83
CA SER A 29 -2.93 23.48 14.16
CA SER A 29 -2.87 23.43 14.07
C SER A 29 -4.16 22.58 14.15
C SER A 29 -4.12 22.59 14.21
N GLY A 30 -3.97 21.27 14.21
CA GLY A 30 -5.09 20.36 14.38
C GLY A 30 -4.57 18.96 14.60
N GLU A 31 -5.48 18.07 14.92
CA GLU A 31 -5.15 16.66 15.08
C GLU A 31 -6.33 15.83 14.61
N GLY A 32 -6.08 14.90 13.70
CA GLY A 32 -7.13 14.03 13.21
C GLY A 32 -6.87 12.59 13.61
N ASN A 33 -7.59 11.66 13.00
CA ASN A 33 -7.32 10.26 13.29
C ASN A 33 -6.04 9.77 12.64
N ASP A 34 -5.53 10.46 11.63
CA ASP A 34 -4.36 9.98 10.89
C ASP A 34 -3.08 10.75 11.17
N CYS A 35 -3.17 12.08 11.29
CA CYS A 35 -2.00 12.92 11.40
C CYS A 35 -2.19 13.94 12.51
N ILE A 36 -1.10 14.45 13.02
CA ILE A 36 -1.08 15.70 13.77
C ILE A 36 -0.52 16.76 12.85
N ALA A 37 -1.15 17.94 12.85
CA ALA A 37 -0.76 19.03 11.97
C ALA A 37 -0.17 20.18 12.76
N TYR A 38 0.89 20.77 12.22
CA TYR A 38 1.60 21.87 12.85
C TYR A 38 1.61 23.06 11.90
N GLU A 39 1.26 24.24 12.43
CA GLU A 39 1.44 25.47 11.68
C GLU A 39 2.84 25.99 11.95
N ILE A 40 3.65 26.08 10.91
CA ILE A 40 5.05 26.46 11.04
C ILE A 40 5.30 27.74 10.26
N ASN A 41 5.89 28.73 10.94
CA ASN A 41 6.19 30.04 10.34
C ASN A 41 4.92 30.79 9.92
N ARG A 42 3.77 30.31 10.37
CA ARG A 42 2.48 30.88 10.13
C ARG A 42 2.08 30.84 8.66
N ASP A 43 2.82 30.10 7.84
CA ASP A 43 2.58 30.04 6.42
C ASP A 43 2.53 28.66 5.89
N PHE A 44 2.84 27.66 6.73
CA PHE A 44 2.85 26.27 6.29
C PHE A 44 2.12 25.40 7.30
N ILE A 45 1.50 24.33 6.79
CA ILE A 45 0.95 23.26 7.61
C ILE A 45 1.76 22.01 7.35
N PHE A 46 2.40 21.47 8.40
CA PHE A 46 3.11 20.20 8.28
C PHE A 46 2.30 19.12 8.96
N LYS A 47 2.05 18.03 8.22
CA LYS A 47 1.37 16.85 8.75
C LYS A 47 2.39 15.78 9.11
N PHE A 48 2.28 15.25 10.31
CA PHE A 48 3.08 14.14 10.76
C PHE A 48 2.17 12.95 11.10
N PRO A 49 2.49 11.74 10.64
CA PRO A 49 1.58 10.60 10.86
C PRO A 49 1.61 10.09 12.29
N LYS A 50 0.43 9.72 12.78
CA LYS A 50 0.29 9.12 14.10
C LYS A 50 0.55 7.62 14.09
N HIS A 51 0.61 7.00 12.92
CA HIS A 51 0.78 5.56 12.77
C HIS A 51 0.99 5.28 11.29
N SER A 52 1.26 4.02 10.99
CA SER A 52 1.56 3.62 9.62
CA SER A 52 1.57 3.65 9.61
C SER A 52 0.37 3.84 8.69
N ARG A 53 -0.83 3.47 9.14
CA ARG A 53 -2.01 3.69 8.32
C ARG A 53 -2.15 5.18 7.97
N GLY A 54 -1.96 6.06 8.95
CA GLY A 54 -2.06 7.49 8.69
C GLY A 54 -1.02 7.99 7.70
N SER A 55 0.17 7.40 7.75
CA SER A 55 1.22 7.77 6.81
CA SER A 55 1.22 7.78 6.80
C SER A 55 0.89 7.33 5.38
N THR A 56 0.18 6.22 5.24
CA THR A 56 -0.24 5.79 3.91
C THR A 56 -1.24 6.78 3.34
N ASN A 57 -2.15 7.27 4.20
CA ASN A 57 -3.06 8.30 3.73
CA ASN A 57 -3.07 8.33 3.82
C ASN A 57 -2.32 9.58 3.38
N LEU A 58 -1.28 9.95 4.14
CA LEU A 58 -0.51 11.14 3.82
C LEU A 58 0.24 10.99 2.51
N PHE A 59 0.87 9.84 2.30
CA PHE A 59 1.51 9.55 1.02
C PHE A 59 0.51 9.67 -0.13
N ASN A 60 -0.69 9.11 0.04
CA ASN A 60 -1.74 9.24 -0.98
C ASN A 60 -2.11 10.69 -1.22
N GLU A 61 -2.24 11.48 -0.15
CA GLU A 61 -2.58 12.90 -0.33
C GLU A 61 -1.51 13.60 -1.15
N VAL A 62 -0.24 13.40 -0.82
CA VAL A 62 0.84 14.06 -1.55
C VAL A 62 0.79 13.70 -3.03
N ASN A 63 0.59 12.40 -3.32
CA ASN A 63 0.63 11.95 -4.71
C ASN A 63 -0.57 12.47 -5.49
N ILE A 64 -1.76 12.49 -4.89
CA ILE A 64 -2.93 12.99 -5.58
C ILE A 64 -2.80 14.49 -5.84
N LEU A 65 -2.39 15.25 -4.82
CA LEU A 65 -2.29 16.71 -5.00
C LEU A 65 -1.34 17.07 -6.13
N LYS A 66 -0.25 16.33 -6.28
CA LYS A 66 0.68 16.68 -7.35
C LYS A 66 0.08 16.41 -8.73
N ARG A 67 -0.86 15.47 -8.82
CA ARG A 67 -1.50 15.19 -10.09
C ARG A 67 -2.57 16.20 -10.46
N ILE A 68 -3.14 16.92 -9.48
CA ILE A 68 -4.31 17.74 -9.73
C ILE A 68 -4.09 19.21 -9.37
N HIS A 69 -2.84 19.61 -9.11
CA HIS A 69 -2.58 20.89 -8.45
C HIS A 69 -3.10 22.10 -9.24
N ASN A 70 -3.10 22.03 -10.57
CA ASN A 70 -3.54 23.18 -11.37
C ASN A 70 -4.74 22.83 -12.23
N LYS A 71 -5.62 21.95 -11.75
CA LYS A 71 -6.74 21.50 -12.54
C LYS A 71 -8.09 21.85 -11.93
N LEU A 72 -8.13 22.64 -10.86
CA LEU A 72 -9.37 22.83 -10.12
C LEU A 72 -9.69 24.31 -9.99
N PRO A 73 -10.97 24.65 -9.75
CA PRO A 73 -11.37 26.05 -9.67
C PRO A 73 -11.22 26.71 -8.30
N LEU A 74 -10.82 25.95 -7.28
CA LEU A 74 -10.56 26.45 -5.94
C LEU A 74 -9.15 26.09 -5.51
N PRO A 75 -8.52 26.88 -4.65
CA PRO A 75 -7.24 26.47 -4.10
C PRO A 75 -7.36 25.15 -3.34
N ILE A 76 -6.29 24.35 -3.44
CA ILE A 76 -6.13 23.11 -2.67
C ILE A 76 -4.72 23.17 -2.07
N PRO A 77 -4.39 22.33 -1.10
CA PRO A 77 -3.05 22.40 -0.50
C PRO A 77 -1.97 22.09 -1.54
N GLU A 78 -0.89 22.89 -1.52
CA GLU A 78 0.26 22.69 -2.38
C GLU A 78 1.39 22.08 -1.56
N VAL A 79 1.94 20.97 -2.03
CA VAL A 79 3.04 20.31 -1.35
C VAL A 79 4.31 21.12 -1.58
N VAL A 80 4.97 21.51 -0.48
CA VAL A 80 6.22 22.22 -0.57
C VAL A 80 7.40 21.45 0.04
N PHE A 81 7.14 20.57 1.01
CA PHE A 81 8.17 19.77 1.68
C PHE A 81 7.68 18.34 1.78
N THR A 82 8.58 17.38 1.58
CA THR A 82 8.23 15.97 1.77
C THR A 82 9.29 15.27 2.61
N GLY A 83 8.83 14.39 3.50
CA GLY A 83 9.70 13.47 4.20
C GLY A 83 10.08 12.29 3.33
N MET A 84 10.47 11.21 3.99
CA MET A 84 10.97 10.01 3.31
CA MET A 84 10.99 10.00 3.34
C MET A 84 10.29 8.78 3.86
N PRO A 85 10.29 7.68 3.11
CA PRO A 85 9.75 6.44 3.63
C PRO A 85 10.73 5.81 4.61
N SER A 86 10.18 5.02 5.53
CA SER A 86 10.98 4.18 6.43
C SER A 86 10.30 2.83 6.53
N GLU A 87 10.85 1.98 7.40
CA GLU A 87 10.20 0.72 7.67
C GLU A 87 8.86 0.91 8.38
N THR A 88 8.65 2.09 8.97
CA THR A 88 7.44 2.34 9.72
C THR A 88 6.42 3.20 8.97
N TYR A 89 6.87 4.13 8.12
CA TYR A 89 6.00 5.09 7.46
C TYR A 89 6.27 5.14 5.97
N GLN A 90 5.21 5.19 5.16
CA GLN A 90 5.41 5.45 3.73
C GLN A 90 5.93 6.86 3.49
N MET A 91 5.64 7.76 4.42
CA MET A 91 6.03 9.18 4.29
CA MET A 91 5.99 9.18 4.28
C MET A 91 6.09 9.76 5.69
N SER A 92 7.29 10.20 6.10
CA SER A 92 7.48 10.58 7.50
C SER A 92 6.81 11.90 7.87
N PHE A 93 6.63 12.79 6.90
CA PHE A 93 5.88 14.03 7.09
C PHE A 93 5.67 14.65 5.71
N ALA A 94 4.82 15.66 5.65
CA ALA A 94 4.74 16.51 4.47
C ALA A 94 4.34 17.91 4.89
N GLY A 95 4.88 18.90 4.17
CA GLY A 95 4.61 20.30 4.45
C GLY A 95 3.88 20.93 3.29
N PHE A 96 2.78 21.63 3.61
CA PHE A 96 1.90 22.23 2.62
C PHE A 96 1.80 23.74 2.86
N THR A 97 1.51 24.46 1.79
CA THR A 97 1.16 25.87 1.94
C THR A 97 -0.10 25.98 2.77
N LYS A 98 -0.13 26.97 3.66
CA LYS A 98 -1.34 27.18 4.43
C LYS A 98 -2.33 28.00 3.62
N ILE A 99 -3.56 27.50 3.54
CA ILE A 99 -4.68 28.26 3.01
C ILE A 99 -5.35 28.99 4.16
N LYS A 100 -5.39 30.31 4.07
CA LYS A 100 -6.07 31.10 5.08
C LYS A 100 -7.56 30.91 4.97
N GLY A 101 -8.24 30.85 6.11
CA GLY A 101 -9.68 30.78 6.10
C GLY A 101 -10.19 29.92 7.24
N VAL A 102 -11.50 29.80 7.36
CA VAL A 102 -12.13 29.01 8.41
C VAL A 102 -13.06 27.99 7.79
N PRO A 103 -13.33 26.89 8.45
CA PRO A 103 -14.29 25.90 7.92
C PRO A 103 -15.67 26.52 7.71
N LEU A 104 -16.29 26.17 6.59
CA LEU A 104 -17.67 26.58 6.31
C LEU A 104 -18.59 25.63 7.06
N THR A 105 -18.72 25.89 8.36
CA THR A 105 -19.57 25.07 9.21
C THR A 105 -21.02 25.23 8.79
N PRO A 106 -21.87 24.25 9.09
CA PRO A 106 -23.30 24.45 8.84
C PRO A 106 -23.82 25.73 9.48
N LEU A 107 -23.32 26.09 10.68
CA LEU A 107 -23.79 27.32 11.31
C LEU A 107 -23.40 28.56 10.51
N LEU A 108 -22.15 28.59 10.05
CA LEU A 108 -21.68 29.75 9.29
C LEU A 108 -22.45 29.86 7.97
N LEU A 109 -22.60 28.74 7.26
CA LEU A 109 -23.36 28.72 6.02
C LEU A 109 -24.78 29.25 6.23
N ASN A 110 -25.49 28.75 7.27
CA ASN A 110 -26.89 29.14 7.39
C ASN A 110 -27.08 30.58 7.85
N ASN A 111 -26.03 31.22 8.39
CA ASN A 111 -26.10 32.63 8.73
C ASN A 111 -25.74 33.53 7.57
N LEU A 112 -25.26 32.96 6.46
CA LEU A 112 -24.94 33.76 5.30
C LEU A 112 -26.20 34.29 4.65
N PRO A 113 -26.12 35.46 4.03
CA PRO A 113 -27.21 35.90 3.14
C PRO A 113 -27.43 34.86 2.05
N LYS A 114 -28.70 34.72 1.65
CA LYS A 114 -29.08 33.75 0.62
C LYS A 114 -28.23 33.88 -0.64
N GLN A 115 -27.91 35.10 -1.07
CA GLN A 115 -27.13 35.22 -2.31
C GLN A 115 -25.75 34.57 -2.14
N SER A 116 -25.15 34.67 -0.96
CA SER A 116 -23.87 34.05 -0.71
C SER A 116 -23.98 32.55 -0.46
N GLN A 117 -25.07 32.09 0.16
CA GLN A 117 -25.32 30.66 0.24
C GLN A 117 -25.42 30.06 -1.16
N ASN A 118 -26.13 30.73 -2.05
CA ASN A 118 -26.31 30.24 -3.40
C ASN A 118 -24.99 30.20 -4.15
N GLN A 119 -24.14 31.23 -3.96
CA GLN A 119 -22.82 31.23 -4.57
C GLN A 119 -21.96 30.09 -4.03
N ALA A 120 -22.09 29.78 -2.73
CA ALA A 120 -21.33 28.68 -2.16
C ALA A 120 -21.75 27.35 -2.79
N ALA A 121 -23.07 27.12 -2.97
CA ALA A 121 -23.51 25.91 -3.63
C ALA A 121 -22.98 25.85 -5.07
N LYS A 122 -23.04 26.96 -5.77
CA LYS A 122 -22.55 26.97 -7.13
C LYS A 122 -21.05 26.69 -7.17
N ASP A 123 -20.30 27.32 -6.29
CA ASP A 123 -18.85 27.10 -6.28
C ASP A 123 -18.49 25.66 -5.92
N LEU A 124 -19.24 25.05 -4.98
CA LEU A 124 -18.99 23.66 -4.66
C LEU A 124 -19.33 22.74 -5.82
N ALA A 125 -20.44 23.03 -6.51
CA ALA A 125 -20.81 22.21 -7.65
C ALA A 125 -19.76 22.30 -8.75
N ARG A 126 -19.24 23.50 -9.03
CA ARG A 126 -18.21 23.60 -10.06
C ARG A 126 -16.95 22.89 -9.64
N PHE A 127 -16.57 22.97 -8.36
CA PHE A 127 -15.42 22.23 -7.89
C PHE A 127 -15.60 20.73 -8.11
N LEU A 128 -16.74 20.19 -7.68
CA LEU A 128 -16.96 18.75 -7.84
C LEU A 128 -17.07 18.36 -9.31
N SER A 129 -17.77 19.18 -10.12
CA SER A 129 -17.86 18.86 -11.53
CA SER A 129 -17.86 18.90 -11.55
C SER A 129 -16.48 18.77 -12.18
N GLU A 130 -15.61 19.72 -11.85
CA GLU A 130 -14.26 19.69 -12.44
CA GLU A 130 -14.25 19.70 -12.42
C GLU A 130 -13.44 18.55 -11.88
N LEU A 131 -13.51 18.31 -10.55
CA LEU A 131 -12.80 17.19 -9.95
C LEU A 131 -13.20 15.87 -10.60
N HIS A 132 -14.51 15.63 -10.71
CA HIS A 132 -14.99 14.37 -11.25
C HIS A 132 -14.76 14.24 -12.75
N SER A 133 -14.34 15.31 -13.44
CA SER A 133 -14.04 15.25 -14.86
CA SER A 133 -14.06 15.21 -14.86
C SER A 133 -12.56 15.18 -15.16
N ILE A 134 -11.70 15.20 -14.13
CA ILE A 134 -10.27 15.11 -14.35
C ILE A 134 -9.94 13.80 -15.08
N ASN A 135 -9.08 13.88 -16.10
CA ASN A 135 -8.68 12.69 -16.85
C ASN A 135 -7.88 11.79 -15.94
N ILE A 136 -8.39 10.57 -15.71
CA ILE A 136 -7.75 9.67 -14.78
C ILE A 136 -6.91 8.62 -15.49
N SER A 137 -6.65 8.79 -16.79
CA SER A 137 -5.86 7.81 -17.55
C SER A 137 -4.54 7.49 -16.86
N GLY A 138 -3.81 8.52 -16.44
CA GLY A 138 -2.47 8.23 -15.94
C GLY A 138 -2.42 7.58 -14.58
N PHE A 139 -3.53 7.57 -13.85
CA PHE A 139 -3.51 7.31 -12.42
C PHE A 139 -3.23 5.85 -12.11
N LYS A 140 -2.62 5.61 -10.94
CA LYS A 140 -2.32 4.24 -10.51
C LYS A 140 -3.62 3.46 -10.30
N SER A 141 -3.63 2.22 -10.81
CA SER A 141 -4.87 1.45 -10.78
C SER A 141 -5.29 1.03 -9.37
N ASN A 142 -4.36 1.05 -8.39
CA ASN A 142 -4.78 0.74 -7.03
C ASN A 142 -5.58 1.86 -6.40
N LEU A 143 -5.67 3.02 -7.06
CA LEU A 143 -6.52 4.08 -6.53
C LEU A 143 -8.00 3.77 -6.73
N VAL A 144 -8.31 2.82 -7.62
CA VAL A 144 -9.69 2.46 -7.89
C VAL A 144 -10.25 1.73 -6.67
N LEU A 145 -11.31 2.28 -6.11
CA LEU A 145 -12.03 1.71 -4.96
C LEU A 145 -13.39 1.25 -5.49
N ASP A 146 -13.49 -0.03 -5.82
CA ASP A 146 -14.76 -0.57 -6.29
C ASP A 146 -15.66 -0.85 -5.10
N PHE A 147 -16.87 -0.28 -5.10
CA PHE A 147 -17.70 -0.33 -3.91
C PHE A 147 -18.20 -1.76 -3.65
N ARG A 148 -18.52 -2.52 -4.70
CA ARG A 148 -18.97 -3.89 -4.47
C ARG A 148 -17.87 -4.71 -3.83
N GLU A 149 -16.62 -4.58 -4.31
CA GLU A 149 -15.51 -5.26 -3.67
C GLU A 149 -15.40 -4.86 -2.21
N LYS A 150 -15.58 -3.56 -1.91
CA LYS A 150 -15.41 -3.09 -0.54
C LYS A 150 -16.46 -3.71 0.38
N ILE A 151 -17.72 -3.74 -0.06
CA ILE A 151 -18.77 -4.29 0.77
C ILE A 151 -18.54 -5.78 1.03
N ASN A 152 -18.13 -6.52 0.00
CA ASN A 152 -17.82 -7.93 0.17
C ASN A 152 -16.68 -8.12 1.16
N GLU A 153 -15.63 -7.30 1.04
CA GLU A 153 -14.52 -7.37 1.96
CA GLU A 153 -14.51 -7.34 1.96
C GLU A 153 -14.96 -7.08 3.39
N ASP A 154 -15.79 -6.04 3.58
CA ASP A 154 -16.19 -5.72 4.95
C ASP A 154 -17.01 -6.83 5.56
N ASN A 155 -17.85 -7.51 4.76
CA ASN A 155 -18.63 -8.61 5.29
C ASN A 155 -17.72 -9.68 5.86
N LYS A 156 -16.64 -10.00 5.14
CA LYS A 156 -15.66 -10.97 5.63
C LYS A 156 -14.94 -10.45 6.87
N LYS A 157 -14.60 -9.15 6.89
CA LYS A 157 -13.95 -8.58 8.06
C LYS A 157 -14.83 -8.66 9.29
N ILE A 158 -16.12 -8.32 9.14
CA ILE A 158 -17.03 -8.34 10.29
C ILE A 158 -17.19 -9.77 10.81
N LYS A 159 -17.34 -10.76 9.91
CA LYS A 159 -17.42 -12.14 10.36
C LYS A 159 -16.18 -12.52 11.13
N LYS A 160 -15.00 -12.18 10.60
CA LYS A 160 -13.74 -12.49 11.27
C LYS A 160 -13.65 -11.80 12.63
N LEU A 161 -14.08 -10.54 12.69
CA LEU A 161 -13.96 -9.77 13.93
C LEU A 161 -14.94 -10.24 15.00
N LEU A 162 -16.17 -10.57 14.60
CA LEU A 162 -17.24 -10.78 15.57
C LEU A 162 -17.61 -12.23 15.77
N SER A 163 -16.88 -13.16 15.14
CA SER A 163 -17.20 -14.58 15.21
C SER A 163 -17.35 -15.07 16.65
N ARG A 164 -16.52 -14.54 17.56
CA ARG A 164 -16.58 -14.95 18.96
C ARG A 164 -17.39 -13.98 19.82
N GLU A 165 -17.83 -12.86 19.27
CA GLU A 165 -18.54 -11.84 20.04
C GLU A 165 -20.04 -11.89 19.86
N LEU A 166 -20.53 -12.18 18.66
CA LEU A 166 -21.96 -12.20 18.39
C LEU A 166 -22.50 -13.61 18.57
N LYS A 167 -23.74 -13.68 19.00
CA LYS A 167 -24.41 -14.96 19.09
C LYS A 167 -24.79 -15.36 17.65
N GLY A 168 -24.97 -16.64 17.42
CA GLY A 168 -25.26 -17.16 16.10
C GLY A 168 -26.33 -16.40 15.34
N PRO A 169 -27.52 -16.25 15.93
CA PRO A 169 -28.59 -15.50 15.24
C PRO A 169 -28.25 -14.06 14.99
N GLN A 170 -27.43 -13.43 15.84
CA GLN A 170 -27.01 -12.05 15.59
C GLN A 170 -26.12 -11.98 14.36
N MET A 171 -25.14 -12.89 14.27
CA MET A 171 -24.27 -12.90 13.10
C MET A 171 -25.04 -13.25 11.84
N LYS A 172 -26.04 -14.12 11.95
CA LYS A 172 -26.90 -14.43 10.80
C LYS A 172 -27.55 -13.17 10.25
N LYS A 173 -28.01 -12.30 11.14
CA LYS A 173 -28.68 -11.12 10.62
C LYS A 173 -27.69 -10.08 10.11
N VAL A 174 -26.46 -10.06 10.65
CA VAL A 174 -25.41 -9.28 9.99
C VAL A 174 -25.24 -9.77 8.56
N ASP A 175 -25.15 -11.09 8.38
CA ASP A 175 -24.99 -11.65 7.04
C ASP A 175 -26.17 -11.29 6.14
N ASP A 176 -27.38 -11.23 6.72
CA ASP A 176 -28.56 -10.82 5.96
C ASP A 176 -28.45 -9.38 5.49
N PHE A 177 -28.03 -8.48 6.38
CA PHE A 177 -27.87 -7.07 5.99
C PHE A 177 -26.93 -6.94 4.81
N TYR A 178 -25.79 -7.63 4.85
CA TYR A 178 -24.84 -7.59 3.74
C TYR A 178 -25.42 -8.21 2.48
N ARG A 179 -26.12 -9.34 2.61
CA ARG A 179 -26.71 -9.97 1.43
C ARG A 179 -27.69 -9.02 0.75
N ASP A 180 -28.51 -8.33 1.54
CA ASP A 180 -29.52 -7.46 0.98
C ASP A 180 -28.90 -6.28 0.24
N ILE A 181 -27.87 -5.65 0.82
CA ILE A 181 -27.29 -4.51 0.10
C ILE A 181 -26.55 -4.99 -1.15
N LEU A 182 -25.94 -6.18 -1.10
CA LEU A 182 -25.20 -6.68 -2.25
C LEU A 182 -26.13 -7.06 -3.40
N GLU A 183 -27.41 -7.31 -3.14
CA GLU A 183 -28.34 -7.61 -4.22
C GLU A 183 -28.93 -6.36 -4.87
N ASN A 184 -28.66 -5.18 -4.32
CA ASN A 184 -29.22 -3.92 -4.85
C ASN A 184 -28.18 -3.26 -5.75
N GLU A 185 -28.39 -3.37 -7.07
CA GLU A 185 -27.38 -2.89 -8.01
C GLU A 185 -27.20 -1.37 -8.00
N ILE A 186 -28.17 -0.62 -7.46
CA ILE A 186 -28.04 0.84 -7.49
C ILE A 186 -26.79 1.33 -6.78
N TYR A 187 -26.29 0.56 -5.79
CA TYR A 187 -25.12 1.02 -5.06
C TYR A 187 -23.82 0.81 -5.82
N PHE A 188 -23.81 -0.08 -6.82
CA PHE A 188 -22.57 -0.55 -7.41
C PHE A 188 -22.41 -0.18 -8.87
N LYS A 189 -23.44 0.36 -9.50
CA LYS A 189 -23.40 0.77 -10.90
C LYS A 189 -23.15 2.27 -10.93
N TYR A 190 -21.90 2.65 -11.18
CA TYR A 190 -21.53 4.05 -11.34
C TYR A 190 -20.37 4.10 -12.30
N TYR A 191 -20.09 5.28 -12.84
CA TYR A 191 -18.93 5.47 -13.67
C TYR A 191 -17.80 5.98 -12.81
N PRO A 192 -16.71 5.23 -12.61
CA PRO A 192 -15.68 5.67 -11.67
C PRO A 192 -15.02 6.95 -12.13
N CYS A 193 -14.72 7.83 -11.18
CA CYS A 193 -13.93 9.02 -11.46
C CYS A 193 -13.14 9.38 -10.21
N LEU A 194 -12.26 10.37 -10.33
CA LEU A 194 -11.55 10.85 -9.16
C LEU A 194 -12.52 11.55 -8.23
N ILE A 195 -12.51 11.16 -6.95
CA ILE A 195 -13.38 11.79 -5.97
C ILE A 195 -12.58 12.22 -4.75
N HIS A 196 -13.12 13.22 -4.04
CA HIS A 196 -12.45 13.67 -2.83
C HIS A 196 -12.59 12.63 -1.72
N ASN A 197 -13.79 12.06 -1.55
CA ASN A 197 -14.10 10.94 -0.68
C ASN A 197 -14.10 11.30 0.81
N ASP A 198 -13.89 12.55 1.17
CA ASP A 198 -14.12 12.98 2.54
C ASP A 198 -14.65 14.41 2.48
N PHE A 199 -15.63 14.63 1.61
CA PHE A 199 -15.99 15.98 1.17
C PHE A 199 -17.05 16.49 2.13
N SER A 200 -16.60 17.10 3.22
CA SER A 200 -17.48 17.52 4.30
C SER A 200 -17.15 18.95 4.69
N SER A 201 -18.01 19.52 5.53
CA SER A 201 -17.89 20.94 5.82
C SER A 201 -16.55 21.30 6.47
N ASP A 202 -15.98 20.40 7.29
CA ASP A 202 -14.69 20.71 7.92
C ASP A 202 -13.55 20.81 6.92
N HIS A 203 -13.77 20.39 5.66
CA HIS A 203 -12.73 20.43 4.67
C HIS A 203 -12.98 21.48 3.60
N ILE A 204 -13.96 22.36 3.83
CA ILE A 204 -14.30 23.45 2.93
C ILE A 204 -13.92 24.74 3.65
N LEU A 205 -12.95 25.47 3.13
CA LEU A 205 -12.49 26.69 3.80
C LEU A 205 -13.16 27.93 3.21
N PHE A 206 -13.41 28.91 4.07
CA PHE A 206 -14.24 30.04 3.75
C PHE A 206 -13.53 31.34 4.13
N ASP A 207 -13.65 32.33 3.24
CA ASP A 207 -13.11 33.68 3.42
C ASP A 207 -14.27 34.56 3.88
N THR A 208 -14.29 34.92 5.18
CA THR A 208 -15.41 35.67 5.73
C THR A 208 -15.40 37.15 5.37
N GLU A 209 -14.32 37.67 4.79
CA GLU A 209 -14.38 39.04 4.30
C GLU A 209 -15.05 39.09 2.93
N LYS A 210 -14.72 38.12 2.07
CA LYS A 210 -15.32 38.03 0.74
C LYS A 210 -16.64 37.26 0.76
N ASN A 211 -16.94 36.56 1.85
CA ASN A 211 -18.03 35.58 1.94
C ASN A 211 -18.03 34.64 0.74
N THR A 212 -16.85 34.09 0.44
CA THR A 212 -16.73 33.06 -0.59
C THR A 212 -15.80 31.95 -0.12
N ILE A 213 -16.04 30.76 -0.67
CA ILE A 213 -15.19 29.61 -0.42
C ILE A 213 -13.81 29.85 -1.04
N CYS A 214 -12.77 29.57 -0.27
CA CYS A 214 -11.41 29.84 -0.72
C CYS A 214 -10.49 28.65 -0.66
N GLY A 215 -11.00 27.46 -0.40
CA GLY A 215 -10.13 26.30 -0.45
C GLY A 215 -10.88 25.02 -0.13
N ILE A 216 -10.30 23.91 -0.62
CA ILE A 216 -10.70 22.56 -0.25
C ILE A 216 -9.46 21.85 0.24
N ILE A 217 -9.56 21.16 1.39
CA ILE A 217 -8.39 20.58 2.01
C ILE A 217 -8.61 19.09 2.28
N ASP A 218 -7.53 18.43 2.71
CA ASP A 218 -7.47 17.08 3.23
C ASP A 218 -7.91 16.03 2.21
N PHE A 219 -7.01 15.74 1.28
CA PHE A 219 -7.25 14.85 0.15
C PHE A 219 -6.72 13.43 0.38
N GLY A 220 -6.38 13.07 1.62
CA GLY A 220 -5.78 11.77 1.87
C GLY A 220 -6.68 10.58 1.58
N ASP A 221 -7.99 10.76 1.58
CA ASP A 221 -8.90 9.68 1.26
C ASP A 221 -9.29 9.66 -0.21
N ALA A 222 -8.74 10.55 -1.03
CA ALA A 222 -9.15 10.60 -2.43
C ALA A 222 -8.91 9.26 -3.12
N ALA A 223 -9.77 8.96 -4.08
CA ALA A 223 -9.81 7.64 -4.71
C ALA A 223 -10.51 7.79 -6.06
N ILE A 224 -10.43 6.72 -6.86
CA ILE A 224 -11.23 6.62 -8.07
C ILE A 224 -12.44 5.74 -7.70
N SER A 225 -13.62 6.37 -7.61
CA SER A 225 -14.79 5.66 -7.12
C SER A 225 -16.04 6.42 -7.55
N ASP A 226 -17.11 6.29 -6.75
CA ASP A 226 -18.42 6.79 -7.14
C ASP A 226 -18.52 8.29 -6.88
N PRO A 227 -18.75 9.11 -7.90
CA PRO A 227 -18.89 10.55 -7.63
C PRO A 227 -20.00 10.90 -6.66
N ASP A 228 -21.01 10.03 -6.51
CA ASP A 228 -22.06 10.37 -5.55
C ASP A 228 -21.54 10.42 -4.12
N ASN A 229 -20.39 9.80 -3.83
CA ASN A 229 -19.83 9.86 -2.48
C ASN A 229 -19.62 11.29 -2.03
N ASP A 230 -19.27 12.19 -2.95
CA ASP A 230 -18.93 13.57 -2.58
C ASP A 230 -20.18 14.42 -2.36
N PHE A 231 -21.38 13.92 -2.69
CA PHE A 231 -22.61 14.59 -2.29
C PHE A 231 -23.19 14.04 -1.00
N ILE A 232 -23.16 12.72 -0.81
CA ILE A 232 -23.80 12.17 0.39
C ILE A 232 -23.01 12.54 1.64
N SER A 233 -21.74 12.92 1.52
CA SER A 233 -20.95 13.35 2.66
C SER A 233 -21.34 14.73 3.16
N LEU A 234 -22.18 15.46 2.42
CA LEU A 234 -22.65 16.76 2.86
C LEU A 234 -24.12 16.76 3.28
N MET A 235 -24.78 15.61 3.25
CA MET A 235 -26.24 15.60 3.35
C MET A 235 -26.79 15.49 4.76
N GLU A 236 -25.97 15.09 5.73
CA GLU A 236 -26.48 14.91 7.10
C GLU A 236 -26.98 16.23 7.68
N ASP A 237 -28.18 16.21 8.27
CA ASP A 237 -28.75 17.42 8.85
C ASP A 237 -28.02 17.83 10.11
N ASP A 238 -27.60 16.87 10.92
CA ASP A 238 -26.90 17.18 12.15
C ASP A 238 -25.58 17.87 11.85
N GLU A 239 -24.62 17.11 11.35
CA GLU A 239 -23.24 17.56 11.27
C GLU A 239 -22.90 18.26 9.96
N GLU A 240 -23.74 18.20 8.94
CA GLU A 240 -23.38 18.83 7.67
C GLU A 240 -24.48 19.75 7.17
N TYR A 241 -24.64 19.87 5.85
CA TYR A 241 -25.45 20.96 5.31
C TYR A 241 -26.92 20.64 5.09
N GLY A 242 -27.29 19.36 4.98
CA GLY A 242 -28.68 19.01 4.77
C GLY A 242 -29.07 18.93 3.31
N MET A 243 -30.26 18.37 3.10
CA MET A 243 -30.67 18.01 1.74
CA MET A 243 -30.75 18.01 1.76
C MET A 243 -30.98 19.24 0.89
N GLU A 244 -31.59 20.26 1.48
CA GLU A 244 -31.99 21.42 0.70
C GLU A 244 -30.78 22.07 0.06
N PHE A 245 -29.72 22.29 0.84
CA PHE A 245 -28.51 22.91 0.29
C PHE A 245 -27.84 21.98 -0.70
N VAL A 246 -27.74 20.68 -0.38
CA VAL A 246 -27.06 19.78 -1.32
C VAL A 246 -27.85 19.69 -2.62
N SER A 247 -29.19 19.81 -2.57
CA SER A 247 -29.97 19.82 -3.80
CA SER A 247 -29.96 19.82 -3.81
C SER A 247 -29.60 21.02 -4.68
N LYS A 248 -29.23 22.15 -4.06
CA LYS A 248 -28.73 23.27 -4.87
C LYS A 248 -27.43 22.89 -5.57
N ILE A 249 -26.51 22.23 -4.84
CA ILE A 249 -25.29 21.76 -5.46
C ILE A 249 -25.60 20.81 -6.61
N LEU A 250 -26.50 19.85 -6.38
CA LEU A 250 -26.83 18.86 -7.40
C LEU A 250 -27.39 19.53 -8.67
N ASN A 251 -28.23 20.58 -8.52
CA ASN A 251 -28.76 21.28 -9.68
C ASN A 251 -27.65 21.94 -10.48
N HIS A 252 -26.72 22.62 -9.81
CA HIS A 252 -25.65 23.29 -10.55
C HIS A 252 -24.73 22.27 -11.21
N TYR A 253 -24.56 21.11 -10.57
CA TYR A 253 -23.78 20.00 -11.12
C TYR A 253 -24.47 19.30 -12.27
N LYS A 254 -25.77 19.56 -12.46
CA LYS A 254 -26.59 18.92 -13.49
C LYS A 254 -26.74 17.43 -13.25
N HIS A 255 -26.83 17.04 -11.98
CA HIS A 255 -27.08 15.66 -11.64
C HIS A 255 -28.44 15.22 -12.21
N LYS A 256 -28.47 14.02 -12.79
CA LYS A 256 -29.65 13.53 -13.50
C LYS A 256 -30.40 12.44 -12.76
N ASP A 257 -29.96 12.05 -11.57
CA ASP A 257 -30.61 10.96 -10.86
C ASP A 257 -30.49 11.23 -9.36
N ILE A 258 -31.11 12.30 -8.90
CA ILE A 258 -31.08 12.68 -7.48
C ILE A 258 -31.68 11.56 -6.60
N PRO A 259 -32.76 10.88 -7.00
CA PRO A 259 -33.23 9.74 -6.19
C PRO A 259 -32.15 8.72 -5.83
N THR A 260 -31.22 8.48 -6.74
CA THR A 260 -30.16 7.50 -6.46
C THR A 260 -29.17 8.04 -5.42
N VAL A 261 -28.87 9.33 -5.47
CA VAL A 261 -28.05 9.95 -4.42
C VAL A 261 -28.70 9.78 -3.06
N LEU A 262 -30.03 9.95 -3.00
CA LEU A 262 -30.74 9.83 -1.74
C LEU A 262 -30.70 8.40 -1.21
N GLU A 263 -30.92 7.43 -2.10
CA GLU A 263 -30.87 6.03 -1.67
C GLU A 263 -29.49 5.66 -1.18
N LYS A 264 -28.44 6.16 -1.84
CA LYS A 264 -27.08 5.89 -1.38
C LYS A 264 -26.83 6.52 -0.01
N TYR A 265 -27.35 7.72 0.22
CA TYR A 265 -27.18 8.35 1.51
C TYR A 265 -27.89 7.55 2.61
N ARG A 266 -29.13 7.13 2.34
CA ARG A 266 -29.87 6.34 3.31
C ARG A 266 -29.09 5.08 3.70
N MET A 267 -28.50 4.40 2.72
CA MET A 267 -27.79 3.19 3.06
C MET A 267 -26.50 3.50 3.83
N LYS A 268 -25.80 4.57 3.46
CA LYS A 268 -24.57 4.90 4.16
C LYS A 268 -24.84 5.23 5.62
N GLU A 269 -25.94 5.95 5.90
CA GLU A 269 -26.37 6.21 7.27
C GLU A 269 -26.44 4.91 8.07
N LYS A 270 -27.13 3.91 7.52
CA LYS A 270 -27.23 2.62 8.19
C LYS A 270 -25.88 1.92 8.26
N TYR A 271 -25.05 2.09 7.24
CA TYR A 271 -23.81 1.32 7.17
C TYR A 271 -22.77 1.81 8.16
N TRP A 272 -22.93 3.01 8.72
CA TRP A 272 -21.92 3.59 9.60
C TRP A 272 -21.63 2.71 10.80
N SER A 273 -22.65 2.03 11.34
CA SER A 273 -22.42 1.14 12.48
C SER A 273 -21.35 0.10 12.17
N PHE A 274 -21.39 -0.46 10.96
CA PHE A 274 -20.41 -1.47 10.58
C PHE A 274 -19.04 -0.85 10.33
N GLU A 275 -19.00 0.34 9.75
CA GLU A 275 -17.71 1.00 9.56
C GLU A 275 -17.09 1.32 10.91
N LYS A 276 -17.92 1.67 11.91
CA LYS A 276 -17.38 1.98 13.23
C LYS A 276 -16.78 0.74 13.88
N ILE A 277 -17.37 -0.44 13.65
CA ILE A 277 -16.78 -1.66 14.19
C ILE A 277 -15.44 -1.94 13.52
N ILE A 278 -15.39 -1.82 12.20
CA ILE A 278 -14.18 -2.17 11.45
C ILE A 278 -13.04 -1.23 11.84
N TYR A 279 -13.24 0.07 11.65
CA TYR A 279 -12.14 0.98 11.93
C TYR A 279 -11.95 1.21 13.42
N GLY A 280 -12.97 0.93 14.23
CA GLY A 280 -12.76 0.87 15.67
C GLY A 280 -11.73 -0.17 16.07
N LYS A 281 -11.91 -1.41 15.61
CA LYS A 281 -10.95 -2.45 15.98
C LYS A 281 -9.59 -2.22 15.33
N GLU A 282 -9.56 -1.61 14.15
CA GLU A 282 -8.29 -1.43 13.45
C GLU A 282 -7.44 -0.37 14.13
N TYR A 283 -8.04 0.75 14.54
CA TYR A 283 -7.27 1.88 15.07
C TYR A 283 -6.96 1.76 16.56
N GLY A 284 -7.53 0.79 17.26
CA GLY A 284 -7.46 0.77 18.71
C GLY A 284 -8.51 1.59 19.39
N TYR A 285 -9.57 1.97 18.66
CA TYR A 285 -10.63 2.85 19.16
C TYR A 285 -11.79 2.00 19.66
N MET A 286 -11.66 1.51 20.89
CA MET A 286 -12.71 0.66 21.43
C MET A 286 -14.00 1.42 21.64
N ASP A 287 -13.94 2.75 21.70
CA ASP A 287 -15.16 3.54 21.92
C ASP A 287 -16.16 3.30 20.81
N TRP A 288 -15.68 3.50 19.58
CA TRP A 288 -16.34 3.35 18.30
C TRP A 288 -16.79 1.91 18.05
N TYR A 289 -15.89 1.01 18.35
CA TYR A 289 -16.13 -0.43 18.16
C TYR A 289 -17.27 -0.90 19.07
N GLU A 290 -17.25 -0.48 20.33
CA GLU A 290 -18.35 -0.81 21.24
C GLU A 290 -19.63 -0.10 20.82
N GLU A 291 -19.51 1.12 20.32
CA GLU A 291 -20.68 1.85 19.85
C GLU A 291 -21.33 1.15 18.66
N GLY A 292 -20.53 0.78 17.66
CA GLY A 292 -21.05 0.04 16.53
C GLY A 292 -21.55 -1.33 16.92
N LEU A 293 -20.89 -1.98 17.87
CA LEU A 293 -21.30 -3.31 18.29
C LEU A 293 -22.66 -3.27 18.98
N ASN A 294 -22.91 -2.23 19.78
CA ASN A 294 -24.22 -2.10 20.40
C ASN A 294 -25.28 -1.70 19.39
N GLU A 295 -24.93 -0.90 18.39
CA GLU A 295 -25.91 -0.45 17.40
C GLU A 295 -26.42 -1.60 16.55
N ILE A 296 -25.51 -2.43 16.03
CA ILE A 296 -25.94 -3.55 15.21
C ILE A 296 -26.66 -4.60 16.05
N ARG A 297 -26.41 -4.62 17.36
CA ARG A 297 -27.02 -5.53 18.31
C ARG A 297 -28.52 -5.30 18.36
N SER A 298 -28.97 -4.05 18.27
CA SER A 298 -30.41 -3.76 18.38
C SER A 298 -31.29 -3.54 17.14
N ILE A 299 -30.78 -2.80 16.16
CA ILE A 299 -31.55 -2.48 14.96
C ILE A 299 -31.28 -3.48 13.85
N GLY B 1 19.11 -14.20 19.33
CA GLY B 1 19.13 -12.75 19.38
C GLY B 1 17.76 -12.20 19.73
N MET B 2 17.60 -10.89 19.60
CA MET B 2 16.31 -10.25 19.82
C MET B 2 15.41 -10.49 18.63
N ARG B 3 14.20 -10.97 18.92
CA ARG B 3 13.16 -11.26 17.93
C ARG B 3 12.01 -10.28 18.17
N THR B 4 11.25 -10.01 17.12
CA THR B 4 10.13 -9.08 17.23
C THR B 4 9.01 -9.64 18.09
N TYR B 5 8.85 -10.96 18.11
CA TYR B 5 7.80 -11.61 18.86
C TYR B 5 8.41 -12.71 19.71
N THR B 6 7.68 -13.12 20.73
CA THR B 6 8.01 -14.35 21.42
C THR B 6 7.04 -15.43 20.98
N PHE B 7 7.40 -16.69 21.26
CA PHE B 7 6.50 -17.80 20.97
C PHE B 7 5.15 -17.59 21.63
N ASP B 8 5.13 -17.14 22.89
CA ASP B 8 3.87 -16.92 23.58
C ASP B 8 3.01 -15.90 22.83
N GLN B 9 3.61 -14.83 22.30
CA GLN B 9 2.83 -13.84 21.57
C GLN B 9 2.30 -14.43 20.27
N VAL B 10 3.10 -15.27 19.58
CA VAL B 10 2.64 -15.88 18.34
C VAL B 10 1.43 -16.76 18.62
N GLU B 11 1.51 -17.59 19.68
CA GLU B 11 0.38 -18.45 20.02
C GLU B 11 -0.85 -17.63 20.36
N LYS B 12 -0.68 -16.56 21.12
CA LYS B 12 -1.82 -15.73 21.51
C LYS B 12 -2.47 -15.10 20.28
N ALA B 13 -1.66 -14.61 19.34
CA ALA B 13 -2.22 -13.98 18.15
C ALA B 13 -3.03 -14.96 17.34
N ILE B 14 -2.49 -16.17 17.15
CA ILE B 14 -3.21 -17.17 16.36
C ILE B 14 -4.46 -17.63 17.10
N GLU B 15 -4.37 -17.85 18.43
CA GLU B 15 -5.53 -18.32 19.18
C GLU B 15 -6.72 -17.38 19.04
N GLN B 16 -6.46 -16.06 19.06
CA GLN B 16 -7.56 -15.10 19.04
C GLN B 16 -8.45 -15.30 17.81
N LEU B 17 -7.85 -15.56 16.64
CA LEU B 17 -8.59 -15.73 15.40
C LEU B 17 -8.84 -17.18 15.04
N TYR B 18 -8.09 -18.12 15.62
CA TYR B 18 -8.25 -19.55 15.34
C TYR B 18 -8.23 -20.34 16.64
N PRO B 19 -9.26 -20.19 17.48
CA PRO B 19 -9.26 -20.86 18.80
C PRO B 19 -9.21 -22.37 18.77
N ASP B 20 -9.65 -23.01 17.69
CA ASP B 20 -9.73 -24.47 17.64
C ASP B 20 -8.50 -25.12 17.05
N PHE B 21 -7.50 -24.33 16.66
CA PHE B 21 -6.28 -24.83 16.05
C PHE B 21 -5.29 -25.10 17.16
N THR B 22 -5.07 -26.38 17.47
CA THR B 22 -4.17 -26.76 18.53
C THR B 22 -2.74 -26.64 18.03
N ILE B 23 -1.91 -25.90 18.76
CA ILE B 23 -0.51 -25.75 18.43
C ILE B 23 0.29 -26.67 19.35
N ASN B 24 0.97 -27.64 18.76
CA ASN B 24 1.81 -28.57 19.48
C ASN B 24 3.27 -28.18 19.47
N THR B 25 3.77 -27.73 18.32
CA THR B 25 5.17 -27.37 18.21
C THR B 25 5.30 -26.03 17.49
N ILE B 26 6.26 -25.25 17.93
CA ILE B 26 6.55 -23.95 17.33
C ILE B 26 8.04 -23.69 17.45
N GLU B 27 8.64 -23.33 16.32
CA GLU B 27 10.04 -22.94 16.31
C GLU B 27 10.24 -21.90 15.21
N ILE B 28 11.37 -21.21 15.28
CA ILE B 28 11.70 -20.23 14.26
C ILE B 28 12.15 -20.99 13.04
N SER B 29 11.47 -20.79 11.90
N SER B 29 11.46 -20.76 11.91
CA SER B 29 11.96 -21.43 10.69
CA SER B 29 11.77 -21.37 10.64
C SER B 29 12.91 -20.54 9.90
C SER B 29 12.80 -20.55 9.86
N GLY B 30 12.69 -19.24 9.89
CA GLY B 30 13.61 -18.37 9.19
C GLY B 30 13.20 -16.93 9.37
N GLU B 31 13.93 -16.06 8.69
CA GLU B 31 13.77 -14.62 8.92
C GLU B 31 14.28 -13.89 7.69
N GLY B 32 13.39 -13.19 6.99
CA GLY B 32 13.77 -12.32 5.89
C GLY B 32 13.80 -10.86 6.32
N ASN B 33 13.79 -9.97 5.33
CA ASN B 33 13.81 -8.55 5.66
C ASN B 33 12.49 -8.08 6.22
N ASP B 34 11.39 -8.70 5.79
CA ASP B 34 10.04 -8.24 6.09
C ASP B 34 9.45 -8.93 7.32
N CYS B 35 9.69 -10.24 7.48
CA CYS B 35 8.95 -11.06 8.41
C CYS B 35 9.88 -12.03 9.12
N ILE B 36 9.48 -12.45 10.31
CA ILE B 36 10.02 -13.64 10.95
C ILE B 36 9.03 -14.76 10.73
N ALA B 37 9.54 -15.96 10.41
CA ALA B 37 8.70 -17.09 10.05
C ALA B 37 8.82 -18.16 11.13
N TYR B 38 7.67 -18.73 11.51
CA TYR B 38 7.58 -19.78 12.51
C TYR B 38 7.01 -21.04 11.88
N GLU B 39 7.67 -22.16 12.13
CA GLU B 39 7.16 -23.46 11.72
C GLU B 39 6.26 -24.00 12.82
N ILE B 40 4.99 -24.23 12.52
CA ILE B 40 4.01 -24.64 13.50
C ILE B 40 3.50 -26.03 13.13
N ASN B 41 3.58 -26.95 14.09
CA ASN B 41 3.12 -28.33 13.94
C ASN B 41 3.83 -29.08 12.82
N ARG B 42 5.01 -28.59 12.41
CA ARG B 42 5.73 -29.11 11.24
C ARG B 42 4.84 -29.17 9.99
N ASP B 43 3.75 -28.40 9.97
CA ASP B 43 2.77 -28.42 8.88
C ASP B 43 2.56 -27.06 8.22
N PHE B 44 2.88 -25.96 8.90
CA PHE B 44 2.55 -24.63 8.46
C PHE B 44 3.72 -23.70 8.73
N ILE B 45 3.88 -22.69 7.89
CA ILE B 45 4.82 -21.60 8.12
C ILE B 45 3.97 -20.35 8.39
N PHE B 46 4.11 -19.78 9.59
CA PHE B 46 3.39 -18.56 9.91
C PHE B 46 4.38 -17.40 9.84
N LYS B 47 4.06 -16.40 9.04
CA LYS B 47 4.91 -15.23 8.90
CA LYS B 47 4.91 -15.22 8.88
C LYS B 47 4.32 -14.06 9.68
N PHE B 48 5.15 -13.45 10.50
CA PHE B 48 4.78 -12.27 11.30
C PHE B 48 5.64 -11.09 10.87
N PRO B 49 5.06 -9.94 10.63
CA PRO B 49 5.82 -8.80 10.11
C PRO B 49 6.71 -8.16 11.18
N LYS B 50 7.92 -7.78 10.75
CA LYS B 50 8.87 -7.11 11.64
C LYS B 50 8.63 -5.62 11.74
N HIS B 51 7.83 -5.06 10.84
CA HIS B 51 7.58 -3.63 10.77
C HIS B 51 6.42 -3.43 9.80
N SER B 52 5.96 -2.18 9.72
CA SER B 52 4.80 -1.87 8.89
CA SER B 52 4.79 -1.88 8.89
C SER B 52 5.07 -2.16 7.42
N ARG B 53 6.24 -1.76 6.92
CA ARG B 53 6.56 -2.03 5.53
C ARG B 53 6.49 -3.53 5.24
N GLY B 54 7.07 -4.34 6.14
CA GLY B 54 7.05 -5.77 5.94
C GLY B 54 5.63 -6.34 5.94
N SER B 55 4.74 -5.75 6.72
CA SER B 55 3.35 -6.22 6.79
CA SER B 55 3.36 -6.23 6.78
C SER B 55 2.62 -5.92 5.49
N THR B 56 2.89 -4.76 4.89
CA THR B 56 2.27 -4.45 3.60
C THR B 56 2.76 -5.44 2.54
N ASN B 57 4.05 -5.80 2.59
CA ASN B 57 4.55 -6.79 1.64
C ASN B 57 3.91 -8.15 1.90
N LEU B 58 3.66 -8.48 3.17
CA LEU B 58 3.00 -9.74 3.50
C LEU B 58 1.55 -9.75 3.01
N PHE B 59 0.83 -8.64 3.19
CA PHE B 59 -0.52 -8.51 2.65
C PHE B 59 -0.53 -8.78 1.15
N ASN B 60 0.46 -8.23 0.43
CA ASN B 60 0.49 -8.41 -1.01
C ASN B 60 0.90 -9.82 -1.41
N GLU B 61 1.78 -10.45 -0.62
CA GLU B 61 2.12 -11.85 -0.84
C GLU B 61 0.90 -12.75 -0.69
N VAL B 62 0.09 -12.51 0.33
CA VAL B 62 -1.15 -13.27 0.54
C VAL B 62 -2.09 -13.07 -0.66
N ASN B 63 -2.25 -11.82 -1.10
CA ASN B 63 -3.09 -11.54 -2.26
C ASN B 63 -2.64 -12.36 -3.46
N ILE B 64 -1.33 -12.36 -3.76
CA ILE B 64 -0.83 -13.04 -4.93
C ILE B 64 -0.99 -14.54 -4.79
N LEU B 65 -0.62 -15.09 -3.63
CA LEU B 65 -0.69 -16.54 -3.48
C LEU B 65 -2.12 -17.04 -3.54
N LYS B 66 -3.08 -16.26 -3.01
CA LYS B 66 -4.48 -16.66 -3.15
C LYS B 66 -4.91 -16.65 -4.60
N ARG B 67 -4.51 -15.64 -5.38
CA ARG B 67 -5.12 -15.56 -6.69
C ARG B 67 -4.45 -16.47 -7.71
N ILE B 68 -3.24 -16.97 -7.46
CA ILE B 68 -2.63 -17.96 -8.33
C ILE B 68 -2.78 -19.37 -7.79
N HIS B 69 -3.69 -19.56 -6.85
CA HIS B 69 -3.93 -20.86 -6.28
C HIS B 69 -4.13 -21.91 -7.39
N ASN B 70 -3.33 -22.96 -7.32
CA ASN B 70 -3.39 -24.12 -8.21
C ASN B 70 -3.15 -23.77 -9.68
N LYS B 71 -2.57 -22.61 -9.98
CA LYS B 71 -2.24 -22.30 -11.36
C LYS B 71 -0.87 -22.80 -11.79
N LEU B 72 -0.03 -23.31 -10.87
CA LEU B 72 1.34 -23.63 -11.19
CA LEU B 72 1.33 -23.64 -11.21
C LEU B 72 1.58 -25.15 -11.17
N PRO B 73 2.61 -25.62 -11.89
CA PRO B 73 2.88 -27.06 -11.99
C PRO B 73 3.74 -27.66 -10.89
N LEU B 74 4.17 -26.86 -9.91
CA LEU B 74 4.84 -27.34 -8.72
C LEU B 74 4.08 -26.87 -7.49
N PRO B 75 4.16 -27.58 -6.38
CA PRO B 75 3.60 -27.09 -5.12
C PRO B 75 4.17 -25.71 -4.78
N ILE B 76 3.30 -24.81 -4.36
CA ILE B 76 3.67 -23.49 -3.84
C ILE B 76 2.91 -23.28 -2.53
N PRO B 77 3.35 -22.33 -1.70
CA PRO B 77 2.64 -22.09 -0.44
C PRO B 77 1.19 -21.69 -0.70
N GLU B 78 0.29 -22.23 0.11
CA GLU B 78 -1.12 -21.91 0.03
C GLU B 78 -1.53 -21.23 1.33
N VAL B 79 -2.29 -20.14 1.22
CA VAL B 79 -2.70 -19.39 2.39
C VAL B 79 -3.78 -20.18 3.13
N VAL B 80 -3.57 -20.43 4.43
CA VAL B 80 -4.55 -21.19 5.21
C VAL B 80 -5.09 -20.34 6.36
N PHE B 81 -4.27 -19.45 6.90
CA PHE B 81 -4.63 -18.62 8.06
C PHE B 81 -4.27 -17.19 7.75
N THR B 82 -5.13 -16.23 8.16
CA THR B 82 -4.79 -14.83 7.99
C THR B 82 -5.08 -14.07 9.29
N GLY B 83 -4.24 -13.07 9.55
CA GLY B 83 -4.42 -12.13 10.63
C GLY B 83 -5.36 -11.00 10.21
N MET B 84 -5.24 -9.87 10.91
CA MET B 84 -6.11 -8.75 10.65
CA MET B 84 -6.13 -8.73 10.75
C MET B 84 -5.32 -7.46 10.66
N PRO B 85 -5.87 -6.37 10.12
CA PRO B 85 -5.13 -5.12 10.07
C PRO B 85 -5.23 -4.37 11.39
N SER B 86 -4.23 -3.50 11.57
CA SER B 86 -4.20 -2.53 12.67
C SER B 86 -3.70 -1.22 12.09
N GLU B 87 -3.62 -0.20 12.96
CA GLU B 87 -3.02 1.06 12.54
C GLU B 87 -1.54 0.92 12.19
N THR B 88 -0.91 -0.19 12.60
CA THR B 88 0.51 -0.42 12.33
C THR B 88 0.76 -1.45 11.24
N TYR B 89 -0.09 -2.46 11.12
CA TYR B 89 0.14 -3.56 10.19
C TYR B 89 -1.07 -3.75 9.29
N GLN B 90 -0.83 -3.80 7.96
CA GLN B 90 -1.92 -4.16 7.06
C GLN B 90 -2.42 -5.58 7.31
N MET B 91 -1.52 -6.47 7.78
CA MET B 91 -1.89 -7.85 8.10
C MET B 91 -0.99 -8.33 9.23
N SER B 92 -1.59 -8.74 10.35
CA SER B 92 -0.81 -9.03 11.54
C SER B 92 0.02 -10.32 11.42
N PHE B 93 -0.43 -11.28 10.61
CA PHE B 93 0.30 -12.52 10.33
C PHE B 93 -0.42 -13.21 9.19
N ALA B 94 0.25 -14.21 8.63
CA ALA B 94 -0.43 -15.16 7.75
C ALA B 94 0.22 -16.51 7.93
N GLY B 95 -0.60 -17.55 7.83
CA GLY B 95 -0.09 -18.92 7.89
C GLY B 95 -0.28 -19.62 6.58
N PHE B 96 0.79 -20.27 6.11
CA PHE B 96 0.86 -20.90 4.80
C PHE B 96 1.14 -22.39 5.01
N THR B 97 0.73 -23.21 4.04
CA THR B 97 1.18 -24.60 4.06
C THR B 97 2.71 -24.65 4.01
N LYS B 98 3.28 -25.59 4.74
CA LYS B 98 4.71 -25.86 4.63
C LYS B 98 4.95 -26.78 3.45
N ILE B 99 5.77 -26.32 2.52
CA ILE B 99 6.16 -27.13 1.38
C ILE B 99 7.32 -28.01 1.81
N LYS B 100 7.19 -29.31 1.60
CA LYS B 100 8.28 -30.11 2.10
C LYS B 100 9.29 -30.39 0.99
N GLY B 101 10.47 -30.83 1.40
CA GLY B 101 11.64 -30.86 0.55
C GLY B 101 12.80 -30.12 1.20
N VAL B 102 13.97 -30.32 0.62
CA VAL B 102 15.19 -29.63 1.07
C VAL B 102 15.62 -28.69 -0.05
N PRO B 103 16.30 -27.59 0.26
CA PRO B 103 16.73 -26.68 -0.81
C PRO B 103 17.65 -27.41 -1.79
N LEU B 104 17.43 -27.15 -3.07
CA LEU B 104 18.31 -27.64 -4.12
C LEU B 104 19.53 -26.74 -4.16
N THR B 105 20.44 -26.93 -3.19
CA THR B 105 21.65 -26.13 -3.17
C THR B 105 22.49 -26.43 -4.40
N PRO B 106 23.40 -25.54 -4.78
CA PRO B 106 24.35 -25.88 -5.85
C PRO B 106 25.10 -27.17 -5.58
N LEU B 107 25.53 -27.41 -4.34
CA LEU B 107 26.24 -28.65 -4.05
C LEU B 107 25.34 -29.86 -4.32
N LEU B 108 24.09 -29.81 -3.87
CA LEU B 108 23.19 -30.92 -4.09
C LEU B 108 22.95 -31.14 -5.58
N LEU B 109 22.69 -30.06 -6.30
CA LEU B 109 22.46 -30.15 -7.74
C LEU B 109 23.65 -30.78 -8.45
N ASN B 110 24.87 -30.32 -8.13
CA ASN B 110 26.03 -30.84 -8.83
C ASN B 110 26.31 -32.30 -8.51
N ASN B 111 25.83 -32.81 -7.38
CA ASN B 111 26.07 -34.21 -7.05
C ASN B 111 25.04 -35.14 -7.65
N LEU B 112 23.99 -34.60 -8.28
CA LEU B 112 22.99 -35.43 -8.91
C LEU B 112 23.52 -36.02 -10.20
N PRO B 113 23.06 -37.21 -10.56
CA PRO B 113 23.34 -37.72 -11.90
C PRO B 113 22.81 -36.75 -12.95
N LYS B 114 23.45 -36.80 -14.12
CA LYS B 114 23.17 -35.83 -15.17
CA LYS B 114 23.18 -35.85 -15.19
C LYS B 114 21.71 -35.86 -15.61
N GLN B 115 21.11 -37.05 -15.67
CA GLN B 115 19.71 -37.11 -16.08
C GLN B 115 18.82 -36.34 -15.12
N SER B 116 19.15 -36.36 -13.82
CA SER B 116 18.37 -35.64 -12.82
C SER B 116 18.66 -34.15 -12.84
N GLN B 117 19.92 -33.75 -13.13
CA GLN B 117 20.22 -32.35 -13.35
C GLN B 117 19.44 -31.79 -14.53
N ASN B 118 19.40 -32.55 -15.63
CA ASN B 118 18.67 -32.09 -16.81
C ASN B 118 17.18 -31.96 -16.52
N GLN B 119 16.62 -32.92 -15.78
CA GLN B 119 15.21 -32.83 -15.42
C GLN B 119 14.94 -31.62 -14.54
N ALA B 120 15.88 -31.30 -13.64
CA ALA B 120 15.70 -30.15 -12.78
C ALA B 120 15.66 -28.86 -13.61
N ALA B 121 16.53 -28.75 -14.61
CA ALA B 121 16.50 -27.57 -15.46
C ALA B 121 15.21 -27.48 -16.26
N LYS B 122 14.74 -28.63 -16.78
CA LYS B 122 13.48 -28.66 -17.50
C LYS B 122 12.31 -28.27 -16.60
N ASP B 123 12.30 -28.80 -15.37
CA ASP B 123 11.19 -28.51 -14.48
C ASP B 123 11.18 -27.06 -14.03
N LEU B 124 12.36 -26.44 -13.86
CA LEU B 124 12.39 -25.03 -13.49
C LEU B 124 11.91 -24.16 -14.64
N ALA B 125 12.32 -24.49 -15.87
CA ALA B 125 11.85 -23.74 -17.02
C ALA B 125 10.35 -23.87 -17.19
N ARG B 126 9.80 -25.06 -16.97
CA ARG B 126 8.36 -25.25 -17.05
C ARG B 126 7.64 -24.40 -16.02
N PHE B 127 8.15 -24.40 -14.78
CA PHE B 127 7.51 -23.60 -13.74
C PHE B 127 7.52 -22.11 -14.10
N LEU B 128 8.68 -21.58 -14.51
CA LEU B 128 8.76 -20.17 -14.84
C LEU B 128 7.91 -19.82 -16.06
N SER B 129 7.89 -20.72 -17.06
CA SER B 129 7.05 -20.53 -18.24
C SER B 129 5.59 -20.33 -17.82
N GLU B 130 5.09 -21.18 -16.92
CA GLU B 130 3.69 -21.06 -16.52
C GLU B 130 3.47 -19.83 -15.65
N LEU B 131 4.37 -19.58 -14.69
CA LEU B 131 4.27 -18.37 -13.87
C LEU B 131 4.18 -17.12 -14.72
N HIS B 132 5.09 -17.00 -15.70
CA HIS B 132 5.20 -15.81 -16.51
C HIS B 132 4.08 -15.67 -17.54
N SER B 133 3.25 -16.72 -17.69
CA SER B 133 2.16 -16.72 -18.65
C SER B 133 0.80 -16.46 -18.01
N ILE B 134 0.71 -16.46 -16.69
CA ILE B 134 -0.53 -16.13 -16.01
C ILE B 134 -1.00 -14.75 -16.43
N ASN B 135 -2.32 -14.61 -16.64
CA ASN B 135 -2.84 -13.33 -17.08
C ASN B 135 -2.81 -12.34 -15.90
N ILE B 136 -2.12 -11.21 -16.06
CA ILE B 136 -1.97 -10.28 -14.95
C ILE B 136 -2.70 -8.96 -15.18
N SER B 137 -3.63 -8.91 -16.14
CA SER B 137 -4.30 -7.65 -16.46
C SER B 137 -5.05 -7.06 -15.26
N GLY B 138 -5.52 -7.92 -14.35
CA GLY B 138 -6.27 -7.52 -13.17
C GLY B 138 -5.47 -7.30 -11.90
N PHE B 139 -4.14 -7.46 -11.94
CA PHE B 139 -3.29 -7.17 -10.80
C PHE B 139 -3.07 -5.67 -10.71
N LYS B 140 -3.52 -5.04 -9.63
CA LYS B 140 -3.45 -3.59 -9.52
C LYS B 140 -2.03 -3.13 -9.20
N SER B 141 -1.86 -1.80 -9.29
CA SER B 141 -0.52 -1.20 -9.37
C SER B 141 0.32 -1.44 -8.13
N ASN B 142 -0.30 -1.70 -6.98
CA ASN B 142 0.50 -1.95 -5.80
C ASN B 142 1.26 -3.27 -5.88
N LEU B 143 0.88 -4.14 -6.81
CA LEU B 143 1.57 -5.38 -7.10
C LEU B 143 2.50 -5.28 -8.29
N VAL B 144 2.59 -4.10 -8.93
CA VAL B 144 3.39 -3.92 -10.13
C VAL B 144 4.67 -3.20 -9.76
N LEU B 145 5.80 -3.77 -10.20
CA LEU B 145 7.13 -3.19 -9.99
C LEU B 145 7.63 -2.77 -11.38
N ASP B 146 7.24 -1.60 -11.80
CA ASP B 146 7.71 -1.04 -13.07
C ASP B 146 9.19 -0.67 -12.92
N PHE B 147 10.06 -1.31 -13.69
CA PHE B 147 11.50 -1.15 -13.41
C PHE B 147 11.98 0.27 -13.69
N ARG B 148 11.43 0.91 -14.74
CA ARG B 148 11.82 2.29 -15.03
C ARG B 148 11.40 3.23 -13.91
N GLU B 149 10.17 3.06 -13.38
CA GLU B 149 9.74 3.86 -12.24
C GLU B 149 10.66 3.63 -11.04
N LYS B 150 11.11 2.37 -10.84
CA LYS B 150 11.97 2.05 -9.72
C LYS B 150 13.31 2.76 -9.82
N ILE B 151 13.90 2.74 -11.02
CA ILE B 151 15.20 3.40 -11.21
C ILE B 151 15.07 4.91 -11.05
N ASN B 152 14.00 5.49 -11.57
CA ASN B 152 13.78 6.92 -11.42
C ASN B 152 13.54 7.31 -9.97
N GLU B 153 12.78 6.52 -9.26
CA GLU B 153 12.55 6.82 -7.85
C GLU B 153 13.81 6.66 -7.02
N ASP B 154 14.61 5.62 -7.30
CA ASP B 154 15.85 5.49 -6.55
C ASP B 154 16.77 6.68 -6.80
N ASN B 155 16.86 7.10 -8.06
CA ASN B 155 17.66 8.28 -8.41
C ASN B 155 17.22 9.47 -7.57
N LYS B 156 15.92 9.67 -7.46
CA LYS B 156 15.46 10.83 -6.69
C LYS B 156 15.74 10.65 -5.20
N LYS B 157 15.62 9.43 -4.69
CA LYS B 157 15.94 9.18 -3.28
CA LYS B 157 15.95 9.16 -3.28
C LYS B 157 17.42 9.42 -3.01
N ILE B 158 18.29 8.95 -3.91
CA ILE B 158 19.73 9.07 -3.72
C ILE B 158 20.14 10.53 -3.68
N LYS B 159 19.59 11.34 -4.58
CA LYS B 159 19.94 12.75 -4.59
C LYS B 159 19.45 13.45 -3.34
N LYS B 160 18.24 13.10 -2.87
CA LYS B 160 17.73 13.70 -1.64
C LYS B 160 18.57 13.29 -0.43
N LEU B 161 18.95 12.00 -0.35
CA LEU B 161 19.68 11.52 0.83
C LEU B 161 21.14 11.97 0.83
N LEU B 162 21.76 12.11 -0.34
CA LEU B 162 23.20 12.27 -0.40
C LEU B 162 23.65 13.64 -0.90
N SER B 163 22.72 14.58 -1.05
CA SER B 163 23.09 15.90 -1.55
C SER B 163 24.19 16.55 -0.72
N ARG B 164 24.21 16.26 0.57
CA ARG B 164 25.23 16.82 1.45
C ARG B 164 26.28 15.81 1.88
N GLU B 165 26.25 14.62 1.29
CA GLU B 165 27.17 13.56 1.63
C GLU B 165 28.23 13.30 0.59
N LEU B 166 28.02 13.77 -0.64
CA LEU B 166 28.89 13.49 -1.76
C LEU B 166 29.46 14.78 -2.32
N LYS B 167 30.75 14.75 -2.60
CA LYS B 167 31.37 15.89 -3.27
C LYS B 167 30.92 15.94 -4.72
N GLY B 168 31.11 17.11 -5.33
CA GLY B 168 30.69 17.38 -6.70
C GLY B 168 31.01 16.26 -7.69
N PRO B 169 32.29 15.90 -7.82
CA PRO B 169 32.64 14.85 -8.80
C PRO B 169 31.99 13.52 -8.51
N GLN B 170 31.79 13.17 -7.25
CA GLN B 170 31.16 11.89 -6.93
C GLN B 170 29.67 11.91 -7.27
N MET B 171 29.00 13.05 -7.07
CA MET B 171 27.59 13.15 -7.45
C MET B 171 27.43 13.15 -8.96
N LYS B 172 28.36 13.78 -9.70
CA LYS B 172 28.31 13.71 -11.15
C LYS B 172 28.39 12.26 -11.62
N LYS B 173 29.26 11.47 -10.98
CA LYS B 173 29.34 10.05 -11.33
C LYS B 173 28.00 9.34 -11.10
N VAL B 174 27.30 9.71 -10.02
CA VAL B 174 25.97 9.15 -9.78
C VAL B 174 25.02 9.58 -10.89
N ASP B 175 25.03 10.88 -11.23
CA ASP B 175 24.24 11.39 -12.35
C ASP B 175 24.50 10.60 -13.62
N ASP B 176 25.79 10.44 -13.96
CA ASP B 176 26.19 9.72 -15.16
C ASP B 176 25.68 8.29 -15.16
N PHE B 177 25.81 7.61 -14.01
CA PHE B 177 25.45 6.19 -14.00
C PHE B 177 23.95 6.01 -14.22
N TYR B 178 23.12 6.83 -13.56
CA TYR B 178 21.67 6.70 -13.72
C TYR B 178 21.26 7.11 -15.13
N ARG B 179 21.86 8.17 -15.69
CA ARG B 179 21.54 8.55 -17.06
C ARG B 179 21.88 7.43 -18.03
N ASP B 180 23.01 6.75 -17.81
CA ASP B 180 23.37 5.66 -18.71
C ASP B 180 22.42 4.48 -18.60
N ILE B 181 21.97 4.17 -17.38
CA ILE B 181 20.97 3.11 -17.19
C ILE B 181 19.69 3.48 -17.92
N LEU B 182 19.19 4.68 -17.68
CA LEU B 182 17.87 5.06 -18.15
C LEU B 182 17.83 5.29 -19.66
N GLU B 183 18.98 5.56 -20.28
CA GLU B 183 19.02 5.68 -21.74
C GLU B 183 19.11 4.32 -22.42
N ASN B 184 19.26 3.23 -21.68
CA ASN B 184 19.42 1.91 -22.27
C ASN B 184 18.10 1.16 -22.22
N GLU B 185 17.37 1.16 -23.34
CA GLU B 185 16.06 0.53 -23.42
C GLU B 185 16.00 -0.95 -23.02
N ILE B 186 17.14 -1.63 -23.05
CA ILE B 186 17.19 -3.05 -22.69
C ILE B 186 16.45 -3.34 -21.39
N TYR B 187 16.55 -2.44 -20.42
CA TYR B 187 16.10 -2.75 -19.08
C TYR B 187 14.61 -2.53 -18.91
N PHE B 188 13.97 -1.88 -19.87
CA PHE B 188 12.63 -1.36 -19.68
C PHE B 188 11.62 -1.81 -20.72
N LYS B 189 12.05 -2.50 -21.77
CA LYS B 189 11.17 -2.91 -22.86
C LYS B 189 10.52 -4.27 -22.62
N TYR B 190 10.76 -4.90 -21.47
CA TYR B 190 10.22 -6.22 -21.21
C TYR B 190 8.69 -6.19 -21.21
N TYR B 191 8.10 -7.35 -21.47
CA TYR B 191 6.66 -7.51 -21.32
C TYR B 191 6.36 -7.84 -19.87
N PRO B 192 5.63 -7.01 -19.14
CA PRO B 192 5.42 -7.27 -17.71
C PRO B 192 4.60 -8.53 -17.48
N CYS B 193 5.03 -9.32 -16.50
CA CYS B 193 4.31 -10.52 -16.11
CA CYS B 193 4.34 -10.54 -16.11
C CYS B 193 4.52 -10.75 -14.63
N LEU B 194 3.75 -11.67 -14.07
CA LEU B 194 4.02 -12.06 -12.69
C LEU B 194 5.36 -12.79 -12.63
N ILE B 195 6.23 -12.32 -11.72
CA ILE B 195 7.52 -12.95 -11.52
C ILE B 195 7.67 -13.34 -10.05
N HIS B 196 8.48 -14.36 -9.80
CA HIS B 196 8.75 -14.77 -8.43
C HIS B 196 9.57 -13.72 -7.69
N ASN B 197 10.64 -13.23 -8.34
CA ASN B 197 11.46 -12.09 -7.92
C ASN B 197 12.39 -12.40 -6.74
N ASP B 198 12.41 -13.63 -6.24
CA ASP B 198 13.48 -14.10 -5.35
C ASP B 198 13.83 -15.53 -5.71
N PHE B 199 13.99 -15.80 -7.00
CA PHE B 199 14.03 -17.15 -7.51
C PHE B 199 15.47 -17.67 -7.42
N SER B 200 15.80 -18.18 -6.24
CA SER B 200 17.14 -18.62 -5.92
C SER B 200 17.10 -20.05 -5.37
N SER B 201 18.30 -20.64 -5.27
CA SER B 201 18.46 -22.05 -4.88
C SER B 201 17.81 -22.36 -3.57
N ASP B 202 17.85 -21.43 -2.61
CA ASP B 202 17.27 -21.67 -1.31
C ASP B 202 15.76 -21.75 -1.35
N HIS B 203 15.14 -21.34 -2.45
CA HIS B 203 13.69 -21.30 -2.55
C HIS B 203 13.16 -22.34 -3.51
N ILE B 204 14.02 -23.26 -3.94
CA ILE B 204 13.67 -24.35 -4.85
C ILE B 204 13.81 -25.63 -4.01
N LEU B 205 12.69 -26.31 -3.75
CA LEU B 205 12.72 -27.44 -2.85
C LEU B 205 12.74 -28.74 -3.63
N PHE B 206 13.43 -29.73 -3.05
CA PHE B 206 13.87 -30.93 -3.74
C PHE B 206 13.51 -32.17 -2.94
N ASP B 207 13.07 -33.22 -3.65
CA ASP B 207 12.79 -34.52 -3.07
C ASP B 207 13.96 -35.45 -3.42
N THR B 208 14.77 -35.81 -2.42
CA THR B 208 15.95 -36.61 -2.75
C THR B 208 15.62 -38.09 -2.96
N GLU B 209 14.41 -38.54 -2.64
CA GLU B 209 14.08 -39.94 -2.89
C GLU B 209 13.78 -40.18 -4.36
N LYS B 210 13.09 -39.23 -5.00
CA LYS B 210 12.78 -39.30 -6.43
C LYS B 210 13.73 -38.45 -7.27
N ASN B 211 14.62 -37.70 -6.62
CA ASN B 211 15.54 -36.78 -7.28
C ASN B 211 14.79 -35.83 -8.22
N THR B 212 13.74 -35.21 -7.71
CA THR B 212 12.96 -34.24 -8.48
C THR B 212 12.60 -33.03 -7.61
N ILE B 213 12.50 -31.88 -8.27
CA ILE B 213 12.02 -30.66 -7.60
C ILE B 213 10.58 -30.85 -7.18
N CYS B 214 10.26 -30.42 -5.94
CA CYS B 214 8.94 -30.70 -5.39
C CYS B 214 8.27 -29.46 -4.80
N GLY B 215 8.81 -28.28 -5.02
CA GLY B 215 8.11 -27.09 -4.58
C GLY B 215 8.93 -25.84 -4.79
N ILE B 216 8.25 -24.68 -4.80
CA ILE B 216 8.87 -23.37 -4.86
C ILE B 216 8.31 -22.56 -3.70
N ILE B 217 9.18 -21.84 -2.96
CA ILE B 217 8.73 -21.12 -1.76
C ILE B 217 9.15 -19.65 -1.84
N ASP B 218 8.68 -18.87 -0.86
CA ASP B 218 9.14 -17.49 -0.61
C ASP B 218 8.76 -16.55 -1.75
N PHE B 219 7.44 -16.33 -1.87
CA PHE B 219 6.86 -15.39 -2.82
C PHE B 219 6.74 -13.98 -2.25
N GLY B 220 7.49 -13.68 -1.20
CA GLY B 220 7.40 -12.43 -0.48
C GLY B 220 7.79 -11.21 -1.30
N ASP B 221 8.52 -11.39 -2.41
CA ASP B 221 8.88 -10.28 -3.26
C ASP B 221 8.23 -10.36 -4.63
N ALA B 222 7.34 -11.34 -4.86
CA ALA B 222 6.70 -11.51 -6.15
C ALA B 222 5.93 -10.24 -6.53
N ALA B 223 5.94 -9.92 -7.82
CA ALA B 223 5.37 -8.69 -8.35
C ALA B 223 5.23 -8.83 -9.85
N ILE B 224 4.59 -7.84 -10.47
CA ILE B 224 4.48 -7.78 -11.93
C ILE B 224 5.71 -7.02 -12.42
N SER B 225 6.62 -7.72 -13.10
CA SER B 225 7.85 -7.06 -13.51
C SER B 225 8.52 -7.87 -14.63
N ASP B 226 9.84 -7.82 -14.70
CA ASP B 226 10.58 -8.35 -15.84
C ASP B 226 10.89 -9.84 -15.61
N PRO B 227 10.38 -10.73 -16.46
CA PRO B 227 10.65 -12.16 -16.26
C PRO B 227 12.13 -12.51 -16.20
N ASP B 228 13.01 -11.71 -16.81
CA ASP B 228 14.42 -12.04 -16.73
C ASP B 228 14.96 -11.98 -15.32
N ASN B 229 14.27 -11.27 -14.40
CA ASN B 229 14.64 -11.28 -12.99
C ASN B 229 14.80 -12.68 -12.45
N ASP B 230 13.95 -13.60 -12.91
CA ASP B 230 13.92 -14.95 -12.36
C ASP B 230 15.02 -15.84 -12.91
N PHE B 231 15.76 -15.38 -13.94
CA PHE B 231 16.97 -16.09 -14.37
C PHE B 231 18.23 -15.51 -13.74
N ILE B 232 18.34 -14.18 -13.64
CA ILE B 232 19.58 -13.62 -13.09
C ILE B 232 19.75 -13.95 -11.63
N SER B 233 18.66 -14.27 -10.93
CA SER B 233 18.77 -14.64 -9.53
C SER B 233 19.37 -16.04 -9.33
N LEU B 234 19.58 -16.79 -10.41
CA LEU B 234 20.20 -18.12 -10.33
C LEU B 234 21.62 -18.16 -10.87
N MET B 235 22.14 -17.06 -11.42
CA MET B 235 23.35 -17.10 -12.24
C MET B 235 24.65 -16.98 -11.46
N GLU B 236 24.63 -16.41 -10.26
CA GLU B 236 25.88 -16.14 -9.56
C GLU B 236 26.66 -17.44 -9.36
N ASP B 237 27.90 -17.45 -9.84
CA ASP B 237 28.71 -18.65 -9.69
C ASP B 237 29.01 -18.93 -8.24
N ASP B 238 29.15 -17.87 -7.42
CA ASP B 238 29.46 -17.94 -6.01
C ASP B 238 28.44 -18.76 -5.21
N GLU B 239 27.22 -18.22 -5.16
CA GLU B 239 26.20 -18.69 -4.25
C GLU B 239 25.04 -19.38 -4.95
N GLU B 240 24.99 -19.34 -6.28
CA GLU B 240 23.86 -19.96 -6.96
C GLU B 240 24.34 -21.00 -7.96
N TYR B 241 23.64 -21.19 -9.08
CA TYR B 241 23.88 -22.35 -9.92
C TYR B 241 24.94 -22.15 -10.99
N GLY B 242 25.23 -20.90 -11.38
CA GLY B 242 26.19 -20.67 -12.43
C GLY B 242 25.54 -20.62 -13.80
N MET B 243 26.27 -20.04 -14.75
CA MET B 243 25.74 -19.84 -16.08
C MET B 243 25.48 -21.06 -16.92
N GLU B 244 26.30 -22.09 -16.76
CA GLU B 244 26.09 -23.30 -17.53
C GLU B 244 24.71 -23.89 -17.25
N PHE B 245 24.37 -24.04 -15.97
CA PHE B 245 23.07 -24.62 -15.63
C PHE B 245 21.94 -23.67 -15.98
N VAL B 246 22.12 -22.37 -15.75
CA VAL B 246 21.04 -21.44 -16.07
C VAL B 246 20.77 -21.43 -17.58
N SER B 247 21.82 -21.62 -18.39
CA SER B 247 21.59 -21.68 -19.84
C SER B 247 20.77 -22.91 -20.21
N LYS B 248 20.96 -24.02 -19.49
CA LYS B 248 20.05 -25.16 -19.65
C LYS B 248 18.61 -24.76 -19.34
N ILE B 249 18.40 -23.98 -18.27
CA ILE B 249 17.04 -23.51 -17.99
C ILE B 249 16.56 -22.60 -19.11
N LEU B 250 17.40 -21.64 -19.52
CA LEU B 250 16.99 -20.68 -20.54
C LEU B 250 16.67 -21.38 -21.85
N ASN B 251 17.42 -22.41 -22.21
CA ASN B 251 17.13 -23.08 -23.46
C ASN B 251 15.86 -23.93 -23.36
N HIS B 252 15.59 -24.51 -22.19
CA HIS B 252 14.31 -25.22 -22.04
C HIS B 252 13.15 -24.24 -22.11
N TYR B 253 13.33 -23.05 -21.56
CA TYR B 253 12.36 -21.96 -21.61
C TYR B 253 12.26 -21.36 -23.01
N LYS B 254 13.21 -21.68 -23.89
CA LYS B 254 13.26 -21.15 -25.27
C LYS B 254 13.50 -19.64 -25.28
N HIS B 255 14.32 -19.16 -24.35
CA HIS B 255 14.72 -17.76 -24.34
C HIS B 255 15.42 -17.42 -25.64
N LYS B 256 15.07 -16.29 -26.23
CA LYS B 256 15.62 -15.89 -27.51
C LYS B 256 16.71 -14.84 -27.41
N ASP B 257 17.08 -14.41 -26.20
CA ASP B 257 18.05 -13.33 -26.08
C ASP B 257 18.85 -13.51 -24.79
N ILE B 258 19.62 -14.61 -24.74
CA ILE B 258 20.46 -14.84 -23.56
C ILE B 258 21.46 -13.72 -23.33
N PRO B 259 22.06 -13.09 -24.34
CA PRO B 259 22.96 -11.96 -24.03
C PRO B 259 22.31 -10.86 -23.23
N THR B 260 21.02 -10.61 -23.42
CA THR B 260 20.34 -9.60 -22.62
C THR B 260 20.21 -10.03 -21.16
N VAL B 261 19.95 -11.31 -20.92
CA VAL B 261 19.94 -11.81 -19.54
C VAL B 261 21.29 -11.57 -18.88
N LEU B 262 22.38 -11.80 -19.62
CA LEU B 262 23.70 -11.60 -19.05
C LEU B 262 23.96 -10.13 -18.74
N GLU B 263 23.53 -9.28 -19.67
CA GLU B 263 23.70 -7.81 -19.35
CA GLU B 263 23.61 -7.81 -19.44
C GLU B 263 22.83 -7.19 -18.16
N LYS B 264 21.67 -7.83 -18.01
CA LYS B 264 20.86 -7.45 -16.86
C LYS B 264 21.51 -7.94 -15.58
N TYR B 265 22.05 -9.16 -15.60
CA TYR B 265 22.82 -9.66 -14.47
C TYR B 265 23.92 -8.69 -14.11
N ARG B 266 24.72 -8.28 -15.10
CA ARG B 266 25.87 -7.45 -14.77
C ARG B 266 25.44 -6.08 -14.26
N MET B 267 24.36 -5.51 -14.82
CA MET B 267 23.89 -4.23 -14.32
C MET B 267 23.42 -4.34 -12.88
N LYS B 268 22.74 -5.45 -12.54
CA LYS B 268 22.25 -5.62 -11.18
C LYS B 268 23.39 -5.67 -10.18
N GLU B 269 24.51 -6.32 -10.53
CA GLU B 269 25.62 -6.38 -9.59
C GLU B 269 26.23 -5.00 -9.36
N LYS B 270 26.30 -4.20 -10.43
CA LYS B 270 26.85 -2.85 -10.32
C LYS B 270 25.96 -1.92 -9.53
N TYR B 271 24.64 -2.19 -9.55
CA TYR B 271 23.63 -1.36 -8.93
C TYR B 271 23.56 -1.54 -7.41
N TRP B 272 24.24 -2.55 -6.87
CA TRP B 272 23.95 -2.97 -5.50
C TRP B 272 24.29 -1.89 -4.47
N SER B 273 25.33 -1.10 -4.71
CA SER B 273 25.68 -0.02 -3.78
C SER B 273 24.53 0.92 -3.54
N PHE B 274 23.77 1.24 -4.59
CA PHE B 274 22.69 2.19 -4.45
C PHE B 274 21.52 1.58 -3.68
N GLU B 275 21.22 0.31 -3.96
CA GLU B 275 20.22 -0.41 -3.18
C GLU B 275 20.58 -0.41 -1.69
N LYS B 276 21.86 -0.59 -1.39
CA LYS B 276 22.33 -0.68 -0.01
C LYS B 276 22.14 0.64 0.72
N ILE B 277 22.42 1.77 0.04
CA ILE B 277 22.24 3.08 0.64
C ILE B 277 20.80 3.30 1.05
N ILE B 278 19.87 3.02 0.13
CA ILE B 278 18.46 3.22 0.41
C ILE B 278 18.02 2.27 1.52
N TYR B 279 18.45 1.00 1.45
CA TYR B 279 18.08 0.04 2.48
C TYR B 279 18.63 0.47 3.84
N GLY B 280 19.92 0.82 3.90
CA GLY B 280 20.52 1.18 5.17
C GLY B 280 19.81 2.35 5.83
N LYS B 281 19.41 3.34 5.02
CA LYS B 281 18.72 4.50 5.55
C LYS B 281 17.28 4.17 5.93
N GLU B 282 16.59 3.38 5.10
CA GLU B 282 15.15 3.19 5.31
C GLU B 282 14.84 2.17 6.40
N TYR B 283 15.70 1.19 6.62
CA TYR B 283 15.45 0.19 7.66
C TYR B 283 16.29 0.41 8.90
N GLY B 284 17.02 1.51 8.99
CA GLY B 284 17.92 1.65 10.11
C GLY B 284 19.05 0.64 10.13
N TYR B 285 19.24 -0.05 9.02
CA TYR B 285 20.27 -1.07 8.93
C TYR B 285 21.22 -0.13 8.20
N MET B 286 21.82 0.78 8.97
CA MET B 286 22.68 1.86 8.59
C MET B 286 24.07 1.33 8.45
N ASP B 287 24.36 0.13 8.96
CA ASP B 287 25.66 -0.42 8.64
C ASP B 287 25.71 -0.45 7.13
N TRP B 288 24.55 -0.73 6.51
CA TRP B 288 24.48 -0.78 5.05
C TRP B 288 24.56 0.60 4.43
N TYR B 289 24.09 1.64 5.12
CA TYR B 289 24.12 2.98 4.55
C TYR B 289 25.56 3.46 4.35
N GLU B 290 26.38 3.39 5.41
CA GLU B 290 27.74 3.93 5.30
C GLU B 290 28.60 3.10 4.37
N GLU B 291 28.37 1.79 4.31
CA GLU B 291 29.15 0.95 3.41
C GLU B 291 28.76 1.19 1.96
N GLY B 292 27.46 1.29 1.67
CA GLY B 292 27.04 1.72 0.35
C GLY B 292 27.59 3.09 0.00
N LEU B 293 27.63 3.98 0.99
CA LEU B 293 28.19 5.31 0.76
C LEU B 293 29.67 5.21 0.40
N ASN B 294 30.42 4.35 1.08
CA ASN B 294 31.84 4.19 0.78
C ASN B 294 32.04 3.64 -0.63
N GLU B 295 31.29 2.62 -1.01
CA GLU B 295 31.38 2.12 -2.38
C GLU B 295 31.13 3.24 -3.38
N ILE B 296 30.14 4.07 -3.09
CA ILE B 296 29.75 5.11 -4.04
C ILE B 296 30.78 6.22 -4.08
N ARG B 297 31.49 6.45 -2.98
CA ARG B 297 32.61 7.39 -3.03
C ARG B 297 33.79 6.83 -3.80
N SER B 298 33.86 5.51 -3.97
CA SER B 298 34.93 4.89 -4.73
C SER B 298 34.37 3.92 -5.78
CL CL C . 1.12 20.14 -5.09
CAQ EDS D . 21.81 -9.39 0.17
CAR EDS D . 20.93 -8.70 -0.85
CAS EDS D . 23.22 -8.84 0.15
CAT EDS D . 23.85 -9.05 -1.24
CAU EDS D . 23.00 -8.39 -2.30
CAV EDS D . 21.58 -8.94 -2.23
CAW EDS D . 20.22 -10.05 2.07
CAX EDS D . 20.44 -8.81 4.30
CAY EDS D . 19.48 -9.28 3.18
CAZ EDS D . 21.31 -9.97 4.74
CBA EDS D . 21.95 -10.64 3.54
CBB EDS D . 26.35 -9.33 -0.94
CBC EDS D . 22.39 -9.44 5.68
CBD EDS D . 27.73 -8.82 -0.90
CBE EDS D . 18.55 -8.52 -1.37
CBF EDS D . 28.57 -10.04 -0.43
CBG EDS D . 17.22 -9.24 -1.44
CBH EDS D . 19.28 -8.75 6.59
CBI EDS D . 27.15 -11.32 -1.92
CBJ EDS D . 28.43 -11.04 -1.41
CBK EDS D . 16.16 -8.74 -0.45
CBL EDS D . 27.10 -12.36 -2.85
CBM EDS D . 14.92 -9.60 -0.70
CBN EDS D . 27.76 -10.96 -4.72
CBO EDS D . 27.43 -10.47 -6.12
NAK EDS D . 19.60 -9.27 -0.95
NAL EDS D . 23.62 -8.52 -3.62
NAM EDS D . 19.74 -8.05 5.39
NAN EDS D . 28.14 -8.27 -2.20
NAO EDS D . 26.74 -11.89 -4.21
NAP EDS D . 13.78 -9.23 0.16
OAA EDS D . 21.21 -9.18 1.49
OAB EDS D . 25.21 -8.54 -1.30
OAC EDS D . 21.01 -11.15 2.57
OAD EDS D . 24.01 -9.47 1.19
OAE EDS D . 18.73 -8.19 2.60
OAF EDS D . 20.54 -10.99 5.42
OAG EDS D . 26.17 -10.40 -1.95
OAH EDS D . 18.61 -7.29 -1.46
OAI EDS D . 17.46 -10.65 -1.23
OAJ EDS D . 26.17 -9.78 -6.10
CL CL E . -10.74 -21.95 14.76
CL CL F . -6.70 -12.77 -11.08
CL CL G . 28.09 -3.76 2.50
#